data_4G8Z
#
_entry.id   4G8Z
#
_cell.length_a   37.157
_cell.length_b   42.783
_cell.length_c   59.172
_cell.angle_alpha   90.00
_cell.angle_beta   94.78
_cell.angle_gamma   90.00
#
_symmetry.space_group_name_H-M   'P 1 21 1'
#
loop_
_entity.id
_entity.type
_entity.pdbx_description
1 polymer 'Dihydrofolate reductase'
2 non-polymer TRIMETHOPRIM
3 non-polymer 'NADPH DIHYDRO-NICOTINAMIDE-ADENINE-DINUCLEOTIDE PHOSPHATE'
4 water water
#
_entity_poly.entity_id   1
_entity_poly.type   'polypeptide(L)'
_entity_poly.pdbx_seq_one_letter_code
;QQKSLTLIVALTTSYGIGRSNSLPWKLKKEISYFSRVTSFVPTFDSFESMNVVLMGRKTWESIPLQNRPLKGRINVVITR
NAAAAAAAAIHSAKSLDHALELLYRTYGSESSVQINRIFVIGGAQLYKAAMDHPKLDRIMATIIYKDIHCDVFFPLKFRD
KEWSSVWKKEKHSDLESWVGTKVPHGKINEDGFDYEFEMWTRDL
;
_entity_poly.pdbx_strand_id   X
#
# COMPACT_ATOMS: atom_id res chain seq x y z
N GLN A 1 -13.51 13.16 5.84
CA GLN A 1 -12.08 13.39 5.47
C GLN A 1 -12.01 13.89 4.01
N GLN A 2 -10.82 14.34 3.61
CA GLN A 2 -10.55 14.78 2.25
C GLN A 2 -10.06 13.62 1.35
N LYS A 3 -8.79 13.22 1.46
CA LYS A 3 -8.24 12.28 0.51
C LYS A 3 -8.74 10.86 0.85
N SER A 4 -9.04 10.07 -0.16
CA SER A 4 -9.27 8.64 0.08
C SER A 4 -7.92 7.95 0.27
N LEU A 5 -7.94 6.85 0.99
CA LEU A 5 -6.77 5.99 1.08
C LEU A 5 -6.79 4.92 0.07
N THR A 6 -5.61 4.52 -0.39
CA THR A 6 -5.41 3.39 -1.27
C THR A 6 -4.57 2.32 -0.57
N LEU A 7 -4.94 1.05 -0.72
CA LEU A 7 -4.24 -0.04 -0.09
C LEU A 7 -3.53 -0.74 -1.14
N ILE A 8 -2.30 -1.04 -0.87
CA ILE A 8 -1.57 -1.80 -1.81
C ILE A 8 -0.97 -3.05 -1.16
N VAL A 9 -1.26 -4.20 -1.68
CA VAL A 9 -0.85 -5.49 -1.14
C VAL A 9 -0.58 -6.57 -2.23
N ALA A 10 0.38 -7.47 -1.97
CA ALA A 10 0.54 -8.71 -2.65
C ALA A 10 0.13 -9.87 -1.80
N LEU A 11 -0.73 -10.71 -2.38
CA LEU A 11 -1.24 -11.85 -1.65
C LEU A 11 -1.46 -13.07 -2.48
N THR A 12 -1.43 -14.23 -1.85
CA THR A 12 -1.76 -15.46 -2.60
C THR A 12 -3.29 -15.65 -2.74
N THR A 13 -3.71 -16.72 -3.46
CA THR A 13 -5.15 -16.95 -3.73
C THR A 13 -5.79 -17.42 -2.45
N SER A 14 -4.97 -17.89 -1.52
CA SER A 14 -5.45 -18.12 -0.15
C SER A 14 -5.17 -16.98 0.81
N TYR A 15 -4.87 -15.79 0.28
CA TYR A 15 -4.69 -14.58 1.11
C TYR A 15 -3.49 -14.56 2.05
N GLY A 16 -2.45 -15.37 1.82
CA GLY A 16 -1.14 -15.24 2.52
C GLY A 16 -0.40 -13.96 2.07
N ILE A 17 0.20 -13.24 3.02
CA ILE A 17 0.92 -11.96 2.79
C ILE A 17 2.38 -11.96 3.35
N GLY A 18 2.62 -12.78 4.38
CA GLY A 18 3.84 -12.72 5.14
C GLY A 18 4.30 -14.04 5.74
N ARG A 19 5.60 -14.16 5.94
CA ARG A 19 6.21 -15.36 6.51
C ARG A 19 7.64 -15.02 6.92
N SER A 20 7.87 -14.94 8.22
CA SER A 20 9.18 -14.44 8.76
C SER A 20 9.45 -12.94 9.00
N ASN A 21 8.37 -12.21 9.27
CA ASN A 21 8.37 -10.76 9.08
C ASN A 21 9.02 -10.36 7.75
N SER A 22 8.78 -11.18 6.73
CA SER A 22 9.14 -10.79 5.40
C SER A 22 8.15 -11.33 4.37
N LEU A 23 8.41 -11.01 3.10
CA LEU A 23 7.57 -11.53 2.04
C LEU A 23 7.99 -12.92 1.68
N PRO A 24 7.01 -13.82 1.61
CA PRO A 24 7.21 -15.24 1.29
C PRO A 24 7.72 -15.55 -0.13
N TRP A 25 8.14 -14.53 -0.89
CA TRP A 25 8.57 -14.73 -2.27
C TRP A 25 9.53 -13.62 -2.64
N LYS A 26 10.33 -13.84 -3.66
CA LYS A 26 11.27 -12.84 -4.13
C LYS A 26 10.81 -12.55 -5.55
N LEU A 27 10.11 -11.44 -5.69
CA LEU A 27 9.50 -11.03 -6.95
C LEU A 27 9.86 -9.58 -7.28
N LYS A 28 10.87 -9.44 -8.11
CA LYS A 28 11.42 -8.16 -8.53
C LYS A 28 10.44 -7.26 -9.30
N LYS A 29 9.69 -7.81 -10.24
CA LYS A 29 8.76 -6.97 -11.00
C LYS A 29 7.61 -6.51 -10.11
N GLU A 30 7.28 -7.32 -9.10
CA GLU A 30 6.26 -6.98 -8.11
C GLU A 30 6.69 -5.73 -7.26
N ILE A 31 7.90 -5.79 -6.71
CA ILE A 31 8.48 -4.67 -5.95
C ILE A 31 8.60 -3.41 -6.82
N SER A 32 9.01 -3.60 -8.08
CA SER A 32 9.06 -2.50 -9.04
C SER A 32 7.66 -1.87 -9.24
N TYR A 33 6.65 -2.72 -9.47
CA TYR A 33 5.28 -2.30 -9.63
C TYR A 33 4.92 -1.52 -8.37
N PHE A 34 5.35 -2.04 -7.24
CA PHE A 34 5.03 -1.43 -5.96
C PHE A 34 5.67 -0.03 -5.93
N SER A 35 6.93 0.04 -6.34
CA SER A 35 7.65 1.32 -6.31
C SER A 35 6.97 2.38 -7.19
N ARG A 36 6.67 2.00 -8.43
CA ARG A 36 6.03 2.91 -9.38
C ARG A 36 4.69 3.44 -8.86
N VAL A 37 3.82 2.52 -8.46
CA VAL A 37 2.49 2.88 -7.96
C VAL A 37 2.56 3.85 -6.79
N THR A 38 3.22 3.43 -5.70
CA THR A 38 3.26 4.27 -4.51
C THR A 38 4.05 5.59 -4.74
N SER A 39 4.81 5.71 -5.84
CA SER A 39 5.63 6.90 -6.07
C SER A 39 5.07 7.84 -7.12
N PHE A 40 4.20 7.32 -7.99
CA PHE A 40 3.70 8.09 -9.14
C PHE A 40 2.87 9.30 -8.71
N VAL A 41 3.31 10.46 -9.18
CA VAL A 41 2.64 11.70 -8.88
C VAL A 41 2.48 12.36 -10.26
N PRO A 42 1.23 12.49 -10.78
CA PRO A 42 1.03 13.00 -12.15
C PRO A 42 1.94 14.21 -12.44
N THR A 43 2.53 14.20 -13.63
CA THR A 43 3.66 15.06 -14.03
C THR A 43 3.58 16.57 -13.67
N PHE A 44 2.46 17.23 -14.00
CA PHE A 44 2.31 18.65 -13.70
C PHE A 44 2.63 18.96 -12.21
N ASP A 45 2.28 18.04 -11.32
CA ASP A 45 2.60 18.20 -9.91
C ASP A 45 3.67 17.22 -9.46
N SER A 46 4.92 17.67 -9.45
CA SER A 46 6.05 16.81 -9.09
C SER A 46 7.10 17.50 -8.23
N PHE A 47 7.31 18.79 -8.45
CA PHE A 47 8.39 19.50 -7.73
C PHE A 47 8.05 19.45 -6.27
N GLU A 48 6.74 19.50 -6.02
CA GLU A 48 6.19 19.72 -4.68
C GLU A 48 5.32 18.56 -4.17
N SER A 49 4.65 17.82 -5.07
CA SER A 49 3.79 16.68 -4.69
C SER A 49 4.50 15.36 -4.41
N MET A 50 4.19 14.80 -3.24
CA MET A 50 4.73 13.53 -2.83
C MET A 50 3.56 12.69 -2.42
N ASN A 51 3.64 11.40 -2.73
CA ASN A 51 2.84 10.39 -2.10
C ASN A 51 3.28 10.04 -0.68
N VAL A 52 2.32 9.57 0.11
CA VAL A 52 2.53 9.09 1.46
C VAL A 52 2.43 7.54 1.49
N VAL A 53 3.39 6.93 2.18
CA VAL A 53 3.23 5.50 2.57
C VAL A 53 2.98 5.33 4.08
N LEU A 54 1.90 4.62 4.40
CA LEU A 54 1.54 4.37 5.80
C LEU A 54 1.63 2.89 6.14
N MET A 55 2.70 2.53 6.84
CA MET A 55 2.96 1.14 7.20
C MET A 55 3.23 0.95 8.69
N GLY A 56 2.67 -0.13 9.23
CA GLY A 56 2.84 -0.55 10.58
C GLY A 56 4.26 -0.81 11.00
N ARG A 57 4.52 -0.90 12.30
CA ARG A 57 5.89 -0.96 12.82
C ARG A 57 6.61 -2.24 12.40
N LYS A 58 5.93 -3.38 12.40
CA LYS A 58 6.56 -4.64 12.03
C LYS A 58 6.98 -4.55 10.57
N THR A 59 6.09 -4.02 9.71
CA THR A 59 6.47 -3.74 8.30
C THR A 59 7.66 -2.80 8.14
N TRP A 60 7.69 -1.73 8.96
CA TRP A 60 8.85 -0.82 9.01
C TRP A 60 10.14 -1.61 9.38
N GLU A 61 10.02 -2.49 10.36
CA GLU A 61 11.13 -3.33 10.81
C GLU A 61 11.56 -4.32 9.74
N SER A 62 10.60 -4.76 8.92
CA SER A 62 10.92 -5.64 7.79
C SER A 62 11.71 -5.02 6.63
N ILE A 63 11.60 -3.72 6.39
CA ILE A 63 12.40 -3.10 5.34
C ILE A 63 13.87 -3.05 5.78
N PRO A 64 14.79 -3.51 4.91
CA PRO A 64 16.24 -3.42 5.14
C PRO A 64 16.60 -2.01 5.55
N LEU A 65 17.55 -1.90 6.47
CA LEU A 65 17.83 -0.62 7.06
C LEU A 65 18.22 0.41 6.00
N GLN A 66 18.87 -0.06 4.93
CA GLN A 66 19.33 0.77 3.80
C GLN A 66 18.19 1.43 3.00
N ASN A 67 17.09 0.70 2.86
CA ASN A 67 15.92 1.15 2.06
C ASN A 67 14.84 1.92 2.86
N ARG A 68 15.16 2.41 4.05
CA ARG A 68 14.17 3.15 4.84
C ARG A 68 14.72 4.47 5.36
N PRO A 69 13.92 5.52 5.36
CA PRO A 69 12.53 5.51 4.89
C PRO A 69 12.40 5.18 3.41
N LEU A 70 11.22 4.70 3.02
CA LEU A 70 10.98 4.41 1.59
C LEU A 70 11.14 5.65 0.75
N LYS A 71 12.09 5.59 -0.19
CA LYS A 71 12.55 6.76 -0.94
C LYS A 71 11.49 7.45 -1.79
N GLY A 72 11.46 8.79 -1.70
CA GLY A 72 10.58 9.60 -2.56
C GLY A 72 9.12 9.60 -2.12
N ARG A 73 8.89 9.05 -0.93
CA ARG A 73 7.56 9.04 -0.31
C ARG A 73 7.69 9.55 1.11
N ILE A 74 6.66 10.25 1.56
CA ILE A 74 6.51 10.60 2.96
C ILE A 74 6.18 9.28 3.66
N ASN A 75 7.09 8.84 4.53
CA ASN A 75 6.91 7.59 5.25
C ASN A 75 6.29 7.98 6.55
N VAL A 76 5.32 7.19 7.00
CA VAL A 76 4.69 7.34 8.30
C VAL A 76 4.48 5.93 8.91
N VAL A 77 4.96 5.70 10.14
CA VAL A 77 4.93 4.38 10.72
C VAL A 77 3.96 4.44 11.82
N ILE A 78 3.10 3.47 11.77
CA ILE A 78 1.95 3.40 12.68
C ILE A 78 2.31 2.53 13.92
N THR A 79 2.16 3.09 15.11
CA THR A 79 2.46 2.33 16.36
C THR A 79 1.65 2.91 17.56
N ARG A 80 1.07 2.02 18.37
CA ARG A 80 0.26 2.41 19.54
C ARG A 80 1.06 2.97 20.72
N ASN A 81 2.36 2.85 20.64
CA ASN A 81 3.27 3.56 21.50
C ASN A 81 3.50 4.95 20.87
N ALA A 82 4.32 5.79 21.48
CA ALA A 82 4.96 6.94 20.78
C ALA A 82 6.39 6.51 20.46
N ALA A 83 7.02 6.16 21.59
CA ALA A 83 8.05 5.12 21.76
C ALA A 83 9.39 5.80 21.82
N ALA A 84 10.34 5.21 21.10
CA ALA A 84 11.48 5.83 20.41
C ALA A 84 11.47 5.35 18.97
N ALA A 85 11.59 6.30 18.04
CA ALA A 85 11.45 6.07 16.61
C ALA A 85 12.77 6.33 15.90
N ALA A 86 13.25 5.41 15.10
CA ALA A 86 14.55 5.65 14.52
C ALA A 86 14.27 6.50 13.32
N ALA A 87 13.93 7.75 13.57
CA ALA A 87 13.69 8.59 12.44
C ALA A 87 14.66 9.75 12.30
N ALA A 88 15.41 9.75 11.20
CA ALA A 88 16.09 10.97 10.81
C ALA A 88 15.15 11.71 9.88
N ALA A 89 13.90 11.96 10.32
CA ALA A 89 12.93 12.40 9.40
C ALA A 89 11.55 11.91 9.64
N ILE A 90 11.39 10.86 10.50
CA ILE A 90 10.39 9.75 10.40
C ILE A 90 9.18 9.91 11.24
N HIS A 91 8.07 10.27 10.62
CA HIS A 91 6.86 10.62 11.32
C HIS A 91 6.30 9.58 12.14
N SER A 92 5.60 9.82 13.23
CA SER A 92 5.13 8.65 13.98
C SER A 92 3.69 8.82 14.42
N ALA A 93 2.82 7.83 14.23
CA ALA A 93 1.49 8.12 14.74
C ALA A 93 0.83 6.88 15.31
N LYS A 94 -0.17 7.10 16.15
CA LYS A 94 -0.79 5.98 16.87
C LYS A 94 -2.02 5.37 16.22
N SER A 95 -2.42 5.91 15.08
CA SER A 95 -3.55 5.40 14.33
C SER A 95 -3.51 5.91 12.92
N LEU A 96 -4.26 5.29 12.02
CA LEU A 96 -4.39 5.83 10.67
C LEU A 96 -4.88 7.34 10.66
N ASP A 97 -5.85 7.68 11.48
CA ASP A 97 -6.33 9.03 11.51
C ASP A 97 -5.35 10.00 12.16
N HIS A 98 -4.52 9.49 13.06
CA HIS A 98 -3.64 10.32 13.79
C HIS A 98 -2.58 10.60 12.78
N ALA A 99 -2.29 9.61 11.95
CA ALA A 99 -1.33 9.85 10.85
C ALA A 99 -1.82 10.89 9.81
N LEU A 100 -3.04 10.74 9.32
CA LEU A 100 -3.68 11.74 8.45
C LEU A 100 -3.62 13.17 9.00
N GLU A 101 -4.02 13.34 10.26
CA GLU A 101 -3.93 14.61 11.00
C GLU A 101 -2.52 15.20 11.01
N LEU A 102 -1.51 14.32 11.24
CA LEU A 102 -0.13 14.71 11.26
C LEU A 102 0.29 15.15 9.86
N LEU A 103 -0.14 14.40 8.85
CA LEU A 103 0.18 14.76 7.42
C LEU A 103 -0.50 16.07 6.99
N TYR A 104 -1.75 16.30 7.36
CA TYR A 104 -2.38 17.53 6.89
C TYR A 104 -1.85 18.77 7.67
N ARG A 105 -1.64 18.62 9.00
CA ARG A 105 -0.88 19.60 9.82
C ARG A 105 0.46 19.98 9.16
N THR A 106 1.24 18.96 8.87
CA THR A 106 2.63 19.08 8.38
C THR A 106 2.78 19.49 6.91
N TYR A 107 1.86 19.03 6.07
CA TYR A 107 1.94 19.31 4.63
C TYR A 107 0.76 20.14 4.10
N GLY A 108 0.62 21.34 4.64
CA GLY A 108 -0.54 22.18 4.29
C GLY A 108 -0.37 22.96 3.00
N SER A 109 -1.38 23.76 2.67
CA SER A 109 -1.37 24.70 1.50
C SER A 109 -0.14 25.61 1.46
N GLU A 110 0.36 25.98 2.64
CA GLU A 110 1.56 26.80 2.72
C GLU A 110 2.81 25.94 2.78
N SER A 111 2.73 24.68 2.34
CA SER A 111 3.93 23.83 2.38
C SER A 111 4.71 23.66 1.10
N SER A 112 6.03 23.63 1.26
CA SER A 112 6.94 23.36 0.13
C SER A 112 6.66 21.96 -0.45
N VAL A 113 6.39 21.00 0.44
CA VAL A 113 5.98 19.66 0.02
C VAL A 113 4.49 19.42 0.30
N GLN A 114 3.77 18.92 -0.72
CA GLN A 114 2.32 18.69 -0.69
C GLN A 114 1.97 17.21 -0.96
N ILE A 115 0.92 16.70 -0.33
CA ILE A 115 0.59 15.30 -0.49
C ILE A 115 -0.25 15.08 -1.76
N ASN A 116 0.07 14.01 -2.49
CA ASN A 116 -0.74 13.57 -3.66
C ASN A 116 -1.64 12.41 -3.25
N ARG A 117 -1.17 11.19 -3.36
CA ARG A 117 -1.97 10.04 -2.87
C ARG A 117 -1.47 9.45 -1.57
N ILE A 118 -2.35 8.89 -0.75
CA ILE A 118 -1.89 8.21 0.47
C ILE A 118 -2.09 6.67 0.28
N PHE A 119 -1.02 5.87 0.49
CA PHE A 119 -1.07 4.40 0.40
C PHE A 119 -0.89 3.76 1.69
N VAL A 120 -1.77 2.76 1.96
CA VAL A 120 -1.51 1.91 3.10
C VAL A 120 -0.79 0.66 2.61
N ILE A 121 0.43 0.45 3.12
CA ILE A 121 1.30 -0.54 2.55
C ILE A 121 1.54 -1.77 3.35
N GLY A 122 0.75 -1.99 4.36
CA GLY A 122 0.99 -3.25 5.03
C GLY A 122 1.29 -3.15 6.52
N GLY A 123 1.47 -4.34 7.06
CA GLY A 123 0.86 -4.79 8.23
C GLY A 123 -0.48 -5.40 7.95
N ALA A 124 -0.60 -6.72 8.14
CA ALA A 124 -1.90 -7.28 8.43
C ALA A 124 -2.71 -6.44 9.42
N GLN A 125 -2.16 -6.09 10.58
CA GLN A 125 -2.96 -5.29 11.54
C GLN A 125 -3.33 -3.93 10.95
N LEU A 126 -2.42 -3.31 10.22
CA LEU A 126 -2.74 -2.01 9.68
C LEU A 126 -3.66 -2.16 8.49
N TYR A 127 -3.58 -3.30 7.81
CA TYR A 127 -4.45 -3.59 6.67
C TYR A 127 -5.85 -3.80 7.19
N LYS A 128 -5.94 -4.28 8.43
CA LYS A 128 -7.28 -4.42 9.07
C LYS A 128 -7.96 -3.07 9.38
N ALA A 129 -7.21 -2.17 10.02
CA ALA A 129 -7.69 -0.78 10.22
C ALA A 129 -7.99 -0.11 8.90
N ALA A 130 -7.13 -0.18 7.91
CA ALA A 130 -7.54 0.39 6.62
C ALA A 130 -8.86 -0.08 6.00
N MET A 131 -9.19 -1.37 6.19
CA MET A 131 -10.26 -1.98 5.51
C MET A 131 -11.48 -1.47 6.22
N ASP A 132 -11.33 -1.11 7.49
CA ASP A 132 -12.46 -0.50 8.23
C ASP A 132 -12.55 1.02 8.08
N HIS A 133 -11.61 1.66 7.40
CA HIS A 133 -11.64 3.12 7.35
C HIS A 133 -12.58 3.59 6.21
N PRO A 134 -13.30 4.69 6.40
CA PRO A 134 -14.28 5.19 5.44
C PRO A 134 -13.66 5.76 4.16
N LYS A 135 -12.37 6.06 4.22
CA LYS A 135 -11.77 6.78 3.06
C LYS A 135 -11.01 5.79 2.16
N LEU A 136 -10.82 4.56 2.62
CA LEU A 136 -10.25 3.50 1.79
C LEU A 136 -11.21 3.15 0.64
N ASP A 137 -10.80 3.30 -0.62
CA ASP A 137 -11.72 2.97 -1.68
C ASP A 137 -11.10 2.19 -2.82
N ARG A 138 -9.90 1.69 -2.60
CA ARG A 138 -9.15 1.17 -3.73
C ARG A 138 -8.13 0.19 -3.17
N ILE A 139 -7.97 -0.97 -3.81
CA ILE A 139 -6.89 -1.93 -3.45
C ILE A 139 -6.16 -2.20 -4.72
N MET A 140 -4.84 -2.07 -4.65
CA MET A 140 -3.96 -2.43 -5.75
C MET A 140 -3.39 -3.79 -5.31
N ALA A 141 -3.99 -4.86 -5.81
CA ALA A 141 -3.61 -6.18 -5.30
C ALA A 141 -2.84 -6.92 -6.29
N THR A 142 -1.70 -7.42 -5.89
CA THR A 142 -1.00 -8.38 -6.72
C THR A 142 -1.46 -9.78 -6.31
N ILE A 143 -2.08 -10.49 -7.23
CA ILE A 143 -2.57 -11.86 -6.93
C ILE A 143 -1.51 -12.89 -7.29
N ILE A 144 -1.16 -13.74 -6.33
CA ILE A 144 -0.10 -14.73 -6.53
C ILE A 144 -0.72 -16.13 -6.61
N TYR A 145 -0.55 -16.78 -7.75
CA TYR A 145 -1.23 -18.07 -7.96
C TYR A 145 -0.47 -19.27 -7.39
N LYS A 146 -0.26 -19.25 -6.07
CA LYS A 146 0.39 -20.37 -5.36
C LYS A 146 0.01 -20.31 -3.90
N ASP A 147 -0.34 -21.44 -3.31
CA ASP A 147 -0.65 -21.43 -1.90
C ASP A 147 0.66 -21.58 -1.07
N ILE A 148 1.56 -20.60 -1.27
CA ILE A 148 2.79 -20.42 -0.54
C ILE A 148 2.55 -20.41 1.00
N HIS A 149 3.29 -21.23 1.74
CA HIS A 149 3.13 -21.23 3.21
C HIS A 149 3.42 -19.81 3.78
N CYS A 150 2.39 -19.24 4.43
CA CYS A 150 2.47 -17.97 5.15
C CYS A 150 2.17 -18.12 6.64
N ASP A 151 2.72 -17.22 7.47
CA ASP A 151 2.26 -17.13 8.87
C ASP A 151 1.37 -15.91 9.13
N VAL A 152 1.30 -15.03 8.13
CA VAL A 152 0.44 -13.81 8.17
C VAL A 152 -0.48 -13.67 6.91
N PHE A 153 -1.76 -13.37 7.15
CA PHE A 153 -2.79 -13.36 6.13
C PHE A 153 -3.44 -11.97 5.98
N PHE A 154 -3.91 -11.69 4.78
CA PHE A 154 -4.66 -10.51 4.54
C PHE A 154 -5.96 -10.70 5.34
N PRO A 155 -6.41 -9.64 5.98
CA PRO A 155 -7.49 -9.82 6.98
C PRO A 155 -8.95 -9.94 6.48
N LEU A 156 -9.16 -9.76 5.17
CA LEU A 156 -10.51 -9.64 4.59
C LEU A 156 -10.52 -10.18 3.17
N LYS A 157 -11.37 -11.19 2.92
CA LYS A 157 -11.40 -11.98 1.70
C LYS A 157 -12.14 -11.22 0.60
N PHE A 158 -11.57 -10.07 0.26
CA PHE A 158 -12.22 -9.05 -0.55
C PHE A 158 -12.52 -9.59 -1.95
N ARG A 159 -11.78 -10.61 -2.42
CA ARG A 159 -12.00 -11.15 -3.76
C ARG A 159 -12.99 -12.31 -3.86
N ASP A 160 -13.54 -12.71 -2.69
CA ASP A 160 -14.51 -13.84 -2.54
C ASP A 160 -15.95 -13.36 -2.77
N LYS A 161 -16.81 -14.32 -3.09
CA LYS A 161 -18.23 -14.04 -3.40
C LYS A 161 -18.87 -13.14 -2.37
N GLU A 162 -18.63 -13.43 -1.09
CA GLU A 162 -19.31 -12.75 0.04
C GLU A 162 -19.11 -11.22 -0.01
N TRP A 163 -18.02 -10.75 -0.60
CA TRP A 163 -17.63 -9.34 -0.67
C TRP A 163 -17.64 -8.75 -2.11
N SER A 164 -18.00 -9.58 -3.08
CA SER A 164 -18.28 -9.15 -4.46
C SER A 164 -19.36 -8.04 -4.71
N SER A 165 -20.35 -7.78 -3.84
CA SER A 165 -21.19 -6.58 -4.14
C SER A 165 -20.61 -5.30 -3.54
N VAL A 166 -19.58 -5.45 -2.70
CA VAL A 166 -18.90 -4.28 -2.07
C VAL A 166 -17.64 -4.02 -2.84
N TRP A 167 -16.83 -5.06 -2.99
CA TRP A 167 -15.58 -4.89 -3.72
C TRP A 167 -15.72 -5.34 -5.19
N LYS A 168 -15.23 -4.50 -6.13
CA LYS A 168 -15.34 -4.74 -7.57
C LYS A 168 -13.96 -4.62 -8.24
N LYS A 169 -13.62 -5.61 -9.04
CA LYS A 169 -12.40 -5.58 -9.85
C LYS A 169 -12.62 -4.73 -11.10
N GLU A 170 -11.69 -3.78 -11.30
CA GLU A 170 -11.78 -2.78 -12.35
C GLU A 170 -11.08 -3.33 -13.55
N LYS A 171 -11.53 -2.90 -14.73
CA LYS A 171 -10.92 -3.23 -16.01
C LYS A 171 -9.45 -2.92 -15.92
N HIS A 172 -8.62 -3.60 -16.69
CA HIS A 172 -7.23 -3.28 -16.68
C HIS A 172 -6.91 -1.88 -17.21
N SER A 173 -7.72 -1.44 -18.16
CA SER A 173 -7.66 -0.06 -18.67
C SER A 173 -7.86 1.01 -17.59
N ASP A 174 -8.78 0.78 -16.66
CA ASP A 174 -8.93 1.70 -15.55
C ASP A 174 -7.81 1.63 -14.53
N LEU A 175 -7.20 0.46 -14.38
CA LEU A 175 -5.94 0.31 -13.62
C LEU A 175 -4.81 1.18 -14.15
N GLU A 176 -4.50 1.04 -15.45
CA GLU A 176 -3.48 1.85 -16.11
C GLU A 176 -3.78 3.36 -16.03
N SER A 177 -5.02 3.76 -16.34
CA SER A 177 -5.44 5.16 -16.22
C SER A 177 -5.09 5.72 -14.83
N TRP A 178 -5.69 5.13 -13.78
CA TRP A 178 -5.39 5.48 -12.38
C TRP A 178 -3.90 5.54 -11.99
N VAL A 179 -3.12 4.54 -12.36
CA VAL A 179 -1.70 4.49 -12.06
C VAL A 179 -0.90 5.39 -13.02
N GLY A 180 -1.52 5.78 -14.13
CA GLY A 180 -0.94 6.77 -15.05
C GLY A 180 0.13 6.17 -15.93
N THR A 181 0.35 4.85 -15.81
CA THR A 181 1.26 4.13 -16.68
C THR A 181 0.72 2.77 -17.14
N LYS A 182 1.29 2.28 -18.23
CA LYS A 182 1.07 0.93 -18.69
C LYS A 182 1.49 -0.04 -17.59
N VAL A 183 0.73 -1.12 -17.47
CA VAL A 183 0.92 -2.15 -16.44
C VAL A 183 0.71 -3.44 -17.17
N PRO A 184 1.57 -4.43 -16.87
CA PRO A 184 1.46 -5.78 -17.42
C PRO A 184 0.03 -6.33 -17.28
N HIS A 185 -0.59 -6.67 -18.40
CA HIS A 185 -1.92 -7.26 -18.37
C HIS A 185 -1.80 -8.78 -18.39
N GLY A 186 -2.44 -9.45 -17.43
CA GLY A 186 -2.45 -10.90 -17.39
C GLY A 186 -1.32 -11.42 -16.52
N LYS A 187 -1.16 -12.74 -16.54
CA LYS A 187 -0.21 -13.44 -15.68
C LYS A 187 1.26 -13.18 -16.02
N ILE A 188 2.03 -12.94 -14.96
CA ILE A 188 3.47 -12.86 -15.04
C ILE A 188 4.04 -14.08 -14.33
N ASN A 189 5.17 -14.57 -14.82
CA ASN A 189 5.82 -15.69 -14.16
C ASN A 189 7.21 -15.27 -13.73
N GLU A 190 7.42 -15.34 -12.43
CA GLU A 190 8.70 -15.04 -11.89
C GLU A 190 8.83 -15.96 -10.69
N ASP A 191 10.00 -16.58 -10.64
CA ASP A 191 10.37 -17.59 -9.64
C ASP A 191 9.34 -18.70 -9.41
N GLY A 192 8.86 -19.28 -10.50
CA GLY A 192 8.17 -20.58 -10.49
C GLY A 192 6.65 -20.55 -10.37
N PHE A 193 6.05 -19.36 -10.44
CA PHE A 193 4.59 -19.25 -10.30
C PHE A 193 4.05 -18.01 -10.97
N ASP A 194 2.76 -18.05 -11.27
CA ASP A 194 2.07 -16.95 -11.89
C ASP A 194 1.53 -15.94 -10.87
N TYR A 195 1.65 -14.69 -11.23
CA TYR A 195 0.99 -13.64 -10.51
C TYR A 195 0.46 -12.54 -11.43
N GLU A 196 -0.57 -11.84 -10.96
CA GLU A 196 -1.02 -10.71 -11.73
C GLU A 196 -1.52 -9.52 -10.88
N PHE A 197 -1.57 -8.36 -11.54
CA PHE A 197 -1.96 -7.08 -10.95
C PHE A 197 -3.41 -6.81 -11.20
N GLU A 198 -4.08 -6.57 -10.10
CA GLU A 198 -5.47 -6.30 -10.16
C GLU A 198 -5.76 -4.94 -9.47
N MET A 199 -6.85 -4.31 -9.86
CA MET A 199 -7.36 -3.20 -9.10
C MET A 199 -8.81 -3.29 -8.77
N TRP A 200 -9.05 -3.12 -7.49
CA TRP A 200 -10.40 -3.22 -6.93
C TRP A 200 -10.77 -1.93 -6.31
N THR A 201 -12.09 -1.67 -6.26
CA THR A 201 -12.57 -0.44 -5.68
C THR A 201 -13.80 -0.81 -4.94
N ARG A 202 -14.11 0.04 -3.98
CA ARG A 202 -15.37 0.01 -3.30
C ARG A 202 -15.82 1.46 -3.16
N ASP A 203 -17.05 1.69 -3.59
CA ASP A 203 -17.70 3.03 -3.52
C ASP A 203 -17.75 3.63 -2.09
N LEU A 204 -17.34 4.91 -2.01
CA LEU A 204 -17.32 5.67 -0.74
C LEU A 204 -18.76 5.89 -0.25
#